data_3ZH9
#
_entry.id   3ZH9
#
_cell.length_a   81.600
_cell.length_b   81.600
_cell.length_c   157.670
_cell.angle_alpha   90.00
_cell.angle_beta   90.00
_cell.angle_gamma   90.00
#
_symmetry.space_group_name_H-M   'P 43 21 2'
#
loop_
_entity.id
_entity.type
_entity.pdbx_description
1 polymer DELTA
2 non-polymer 'SULFATE ION'
3 non-polymer GLYCEROL
4 water water
#
_entity_poly.entity_id   1
_entity_poly.type   'polypeptide(L)'
_entity_poly.pdbx_seq_one_letter_code
;MVFDVWKSLKKGEVHPVYCLYGKETYLLQETVSRIRQTVVDQETKDFNLSVFDLEEDPLDQAIADAETFPFMGERRLVIV
KNPYFLTGEKKKEKIEHNVSALESYIQSPAPYTVFVLLAPYEKLDERKKLTKALKKHAFMMEAKELNAKETTDFTVNLAK
TEQKTIGTEAAEHLVLLVNGHLSSIFQEIQKLCTFIGDREEITLDDVKMLVARSLEQNIFELINKIVNRKRTESLQIFYD
LLKQNEEPIKIMALISNQFRLILQTKYFAEQGYGQKQIASNLKVHPFRVKLAMDQARLFSEEELRLIIEQLAVMDYEMKT
GKKDKQLLLELFLLQLLKRNEKNDPHY
;
_entity_poly.pdbx_strand_id   B
#
# COMPACT_ATOMS: atom_id res chain seq x y z
N MET A 1 6.57 -0.73 15.65
CA MET A 1 6.75 -0.64 14.20
C MET A 1 6.71 -2.04 13.59
N VAL A 2 6.49 -2.12 12.27
CA VAL A 2 6.55 -3.40 11.57
C VAL A 2 7.86 -4.12 11.89
N PHE A 3 8.94 -3.35 11.97
CA PHE A 3 10.26 -3.93 12.15
C PHE A 3 10.45 -4.63 13.51
N ASP A 4 9.79 -4.10 14.54
CA ASP A 4 9.85 -4.69 15.88
C ASP A 4 9.27 -6.11 15.80
N VAL A 5 8.07 -6.22 15.25
CA VAL A 5 7.46 -7.52 15.04
C VAL A 5 8.35 -8.44 14.20
N TRP A 6 8.84 -7.97 13.06
CA TRP A 6 9.61 -8.84 12.17
C TRP A 6 10.86 -9.39 12.85
N LYS A 7 11.57 -8.52 13.55
CA LYS A 7 12.76 -8.91 14.29
C LYS A 7 12.42 -9.89 15.43
N SER A 8 11.32 -9.63 16.13
CA SER A 8 10.86 -10.53 17.21
C SER A 8 10.61 -11.95 16.69
N LEU A 9 9.88 -12.04 15.58
CA LEU A 9 9.53 -13.33 15.01
C LEU A 9 10.79 -14.13 14.70
N LYS A 10 11.81 -13.43 14.19
CA LYS A 10 13.08 -14.05 13.85
C LYS A 10 13.87 -14.50 15.08
N LYS A 11 13.60 -13.91 16.24
CA LYS A 11 14.28 -14.33 17.46
C LYS A 11 13.54 -15.47 18.15
N GLY A 12 12.45 -15.92 17.55
CA GLY A 12 11.67 -16.98 18.15
C GLY A 12 10.69 -16.43 19.15
N GLU A 13 10.47 -15.12 19.14
CA GLU A 13 9.51 -14.52 20.04
C GLU A 13 8.16 -14.38 19.36
N VAL A 14 7.28 -15.34 19.62
CA VAL A 14 5.95 -15.34 19.01
C VAL A 14 4.94 -15.32 20.14
N HIS A 15 4.09 -14.30 20.15
CA HIS A 15 3.17 -14.12 21.27
C HIS A 15 1.78 -14.68 20.96
N PRO A 16 0.98 -14.91 21.99
CA PRO A 16 -0.33 -15.57 21.82
C PRO A 16 -1.35 -14.67 21.13
N VAL A 17 -1.22 -13.34 21.24
CA VAL A 17 -2.20 -12.42 20.67
C VAL A 17 -1.52 -11.22 19.99
N TYR A 18 -1.86 -10.99 18.72
CA TYR A 18 -1.43 -9.78 18.01
C TYR A 18 -2.64 -9.00 17.52
N CYS A 19 -2.47 -7.69 17.45
CA CYS A 19 -3.43 -6.84 16.79
C CYS A 19 -2.68 -5.98 15.79
N LEU A 20 -2.89 -6.31 14.52
CA LEU A 20 -2.22 -5.62 13.43
C LEU A 20 -3.24 -4.66 12.83
N TYR A 21 -2.93 -3.37 12.84
CA TYR A 21 -3.88 -2.38 12.35
C TYR A 21 -3.19 -1.30 11.51
N GLY A 22 -3.99 -0.43 10.92
CA GLY A 22 -3.47 0.58 9.99
C GLY A 22 -3.94 0.27 8.59
N LYS A 23 -3.80 1.24 7.71
CA LYS A 23 -4.33 1.11 6.37
C LYS A 23 -3.28 0.67 5.34
N GLU A 24 -2.04 0.49 5.78
CA GLU A 24 -1.04 0.00 4.85
C GLU A 24 -1.14 -1.52 4.73
N THR A 25 -2.09 -1.98 3.92
CA THR A 25 -2.45 -3.39 3.91
C THR A 25 -1.31 -4.30 3.49
N TYR A 26 -0.40 -3.77 2.69
CA TYR A 26 0.72 -4.58 2.20
C TYR A 26 1.58 -5.07 3.36
N LEU A 27 1.84 -4.17 4.31
CA LEU A 27 2.60 -4.52 5.51
C LEU A 27 1.81 -5.44 6.46
N LEU A 28 0.51 -5.26 6.51
CA LEU A 28 -0.32 -6.19 7.27
C LEU A 28 -0.15 -7.58 6.65
N GLN A 29 -0.25 -7.63 5.33
CA GLN A 29 -0.17 -8.90 4.62
C GLN A 29 1.20 -9.52 4.81
N GLU A 30 2.24 -8.72 4.68
CA GLU A 30 3.60 -9.25 4.79
C GLU A 30 3.85 -9.81 6.20
N THR A 31 3.31 -9.14 7.21
CA THR A 31 3.50 -9.54 8.60
C THR A 31 2.75 -10.83 8.93
N VAL A 32 1.50 -10.90 8.48
CA VAL A 32 0.70 -12.11 8.64
C VAL A 32 1.43 -13.28 8.01
N SER A 33 2.05 -13.03 6.86
CA SER A 33 2.79 -14.07 6.16
C SER A 33 4.02 -14.52 6.96
N ARG A 34 4.74 -13.57 7.55
CA ARG A 34 5.90 -13.92 8.37
C ARG A 34 5.47 -14.68 9.62
N ILE A 35 4.29 -14.37 10.14
CA ILE A 35 3.88 -15.06 11.35
C ILE A 35 3.51 -16.49 11.00
N ARG A 36 2.87 -16.66 9.84
CA ARG A 36 2.51 -17.97 9.32
C ARG A 36 3.74 -18.85 9.08
N GLN A 37 4.73 -18.29 8.39
CA GLN A 37 5.99 -18.98 8.14
C GLN A 37 6.65 -19.38 9.45
N THR A 38 6.39 -18.61 10.49
CA THR A 38 6.96 -18.92 11.80
C THR A 38 6.21 -20.05 12.54
N VAL A 39 4.88 -20.07 12.52
CA VAL A 39 4.16 -21.04 13.36
C VAL A 39 3.61 -22.26 12.62
N VAL A 40 3.28 -22.10 11.34
CA VAL A 40 2.62 -23.16 10.58
C VAL A 40 3.60 -24.02 9.78
N ASP A 41 3.37 -25.33 9.79
CA ASP A 41 4.12 -26.28 8.98
C ASP A 41 3.23 -26.74 7.85
N GLN A 42 3.76 -26.72 6.63
CA GLN A 42 2.92 -27.02 5.48
C GLN A 42 2.22 -28.38 5.56
N GLU A 43 2.85 -29.34 6.23
CA GLU A 43 2.31 -30.69 6.32
C GLU A 43 1.04 -30.76 7.18
N THR A 44 0.84 -29.76 8.04
CA THR A 44 -0.33 -29.73 8.92
C THR A 44 -1.14 -28.43 8.79
N LYS A 45 -0.92 -27.69 7.71
CA LYS A 45 -1.53 -26.36 7.57
C LYS A 45 -3.06 -26.43 7.48
N ASP A 46 -3.58 -27.54 6.97
CA ASP A 46 -5.03 -27.73 6.91
C ASP A 46 -5.64 -27.81 8.31
N PHE A 47 -4.83 -28.23 9.28
CA PHE A 47 -5.33 -28.48 10.62
C PHE A 47 -4.99 -27.36 11.59
N ASN A 48 -3.90 -26.65 11.34
CA ASN A 48 -3.36 -25.72 12.33
C ASN A 48 -3.40 -24.27 11.89
N LEU A 49 -4.11 -24.01 10.80
CA LEU A 49 -4.28 -22.65 10.32
C LEU A 49 -5.75 -22.39 10.06
N SER A 50 -6.27 -21.29 10.57
CA SER A 50 -7.65 -20.91 10.28
C SER A 50 -7.73 -19.42 10.04
N VAL A 51 -8.50 -19.04 9.03
CA VAL A 51 -8.73 -17.65 8.71
C VAL A 51 -10.23 -17.33 8.74
N PHE A 52 -10.59 -16.30 9.48
CA PHE A 52 -11.98 -15.86 9.52
C PHE A 52 -12.09 -14.40 9.07
N ASP A 53 -13.25 -14.03 8.54
CA ASP A 53 -13.54 -12.65 8.18
C ASP A 53 -14.82 -12.23 8.92
N LEU A 54 -14.68 -11.31 9.87
CA LEU A 54 -15.81 -10.94 10.71
C LEU A 54 -16.92 -10.19 9.96
N GLU A 55 -16.67 -9.88 8.69
CA GLU A 55 -17.73 -9.33 7.85
C GLU A 55 -18.82 -10.39 7.61
N GLU A 56 -18.40 -11.64 7.54
CA GLU A 56 -19.30 -12.76 7.25
C GLU A 56 -19.25 -13.97 8.17
N ASP A 57 -18.26 -14.06 9.04
CA ASP A 57 -18.06 -15.24 9.89
C ASP A 57 -18.30 -14.91 11.35
N PRO A 58 -18.75 -15.91 12.13
CA PRO A 58 -19.00 -15.76 13.56
C PRO A 58 -17.71 -15.73 14.40
N LEU A 59 -17.66 -14.79 15.33
CA LEU A 59 -16.51 -14.66 16.20
C LEU A 59 -16.33 -15.91 17.05
N ASP A 60 -17.43 -16.52 17.46
CA ASP A 60 -17.36 -17.65 18.36
C ASP A 60 -16.61 -18.86 17.76
N GLN A 61 -16.68 -19.01 16.44
CA GLN A 61 -16.02 -20.13 15.79
C GLN A 61 -14.51 -19.90 15.77
N ALA A 62 -14.11 -18.65 15.56
CA ALA A 62 -12.71 -18.25 15.64
C ALA A 62 -12.16 -18.54 17.03
N ILE A 63 -12.92 -18.19 18.07
CA ILE A 63 -12.49 -18.48 19.43
C ILE A 63 -12.46 -19.99 19.73
N ALA A 64 -13.45 -20.72 19.22
CA ALA A 64 -13.49 -22.17 19.44
C ALA A 64 -12.28 -22.83 18.78
N ASP A 65 -11.93 -22.35 17.59
CA ASP A 65 -10.69 -22.80 16.96
C ASP A 65 -9.47 -22.48 17.81
N ALA A 66 -9.42 -21.28 18.35
CA ALA A 66 -8.24 -20.82 19.09
C ALA A 66 -8.06 -21.69 20.32
N GLU A 67 -9.17 -22.21 20.84
CA GLU A 67 -9.10 -23.00 22.05
C GLU A 67 -8.92 -24.49 21.80
N THR A 68 -8.67 -24.85 20.55
CA THR A 68 -8.37 -26.23 20.18
C THR A 68 -6.85 -26.46 20.22
N PHE A 69 -6.42 -27.59 20.76
CA PHE A 69 -5.02 -27.97 20.70
C PHE A 69 -4.56 -28.02 19.26
N PRO A 70 -3.28 -27.67 19.01
CA PRO A 70 -2.75 -27.93 17.68
C PRO A 70 -2.78 -29.42 17.36
N PHE A 71 -2.82 -29.72 16.09
CA PHE A 71 -2.88 -31.10 15.68
C PHE A 71 -1.56 -31.49 15.06
N MET A 72 -0.86 -32.40 15.73
CA MET A 72 0.45 -32.86 15.28
C MET A 72 1.34 -31.68 14.95
N GLY A 73 1.35 -30.71 15.86
CA GLY A 73 2.13 -29.50 15.72
C GLY A 73 2.27 -28.86 17.08
N GLU A 74 3.18 -27.91 17.20
CA GLU A 74 3.42 -27.24 18.48
C GLU A 74 2.45 -26.09 18.67
N ARG A 75 2.08 -25.45 17.57
CA ARG A 75 1.23 -24.26 17.65
C ARG A 75 0.18 -24.24 16.56
N ARG A 76 -0.86 -23.47 16.82
CA ARG A 76 -1.97 -23.27 15.92
C ARG A 76 -1.97 -21.77 15.57
N LEU A 77 -2.43 -21.42 14.37
CA LEU A 77 -2.54 -20.02 13.97
C LEU A 77 -3.98 -19.69 13.62
N VAL A 78 -4.53 -18.67 14.25
CA VAL A 78 -5.91 -18.29 14.00
C VAL A 78 -5.95 -16.83 13.61
N ILE A 79 -6.43 -16.55 12.40
CA ILE A 79 -6.47 -15.20 11.87
C ILE A 79 -7.91 -14.71 11.79
N VAL A 80 -8.13 -13.52 12.33
CA VAL A 80 -9.46 -12.94 12.41
C VAL A 80 -9.44 -11.55 11.78
N LYS A 81 -9.97 -11.44 10.57
CA LYS A 81 -9.97 -10.17 9.84
C LYS A 81 -11.20 -9.30 10.13
N ASN A 82 -11.00 -7.99 10.05
CA ASN A 82 -12.07 -6.99 10.03
C ASN A 82 -12.95 -6.87 11.27
N PRO A 83 -12.32 -6.63 12.43
CA PRO A 83 -13.09 -6.30 13.65
C PRO A 83 -13.59 -4.85 13.60
N TYR A 84 -14.57 -4.59 12.74
CA TYR A 84 -15.09 -3.24 12.53
C TYR A 84 -15.65 -2.63 13.81
N PHE A 85 -16.06 -3.47 14.74
CA PHE A 85 -16.58 -3.01 16.02
C PHE A 85 -15.49 -2.39 16.89
N LEU A 86 -14.24 -2.44 16.42
CA LEU A 86 -13.14 -1.74 17.09
C LEU A 86 -13.08 -0.26 16.69
N THR A 87 -13.77 0.08 15.61
CA THR A 87 -13.91 1.46 15.14
C THR A 87 -15.21 2.07 15.65
N GLY A 88 -15.54 3.27 15.16
CA GLY A 88 -16.78 3.94 15.54
C GLY A 88 -17.82 3.99 14.44
N GLU A 89 -17.71 3.09 13.48
CA GLU A 89 -18.61 3.08 12.32
C GLU A 89 -20.04 2.65 12.66
N LYS A 90 -20.95 2.89 11.73
CA LYS A 90 -22.37 2.57 11.90
C LYS A 90 -22.59 1.07 12.13
N LYS A 91 -23.00 0.73 13.35
CA LYS A 91 -23.05 -0.67 13.78
C LYS A 91 -24.30 -1.44 13.34
N LYS A 92 -25.19 -0.78 12.60
CA LYS A 92 -26.45 -1.41 12.20
C LYS A 92 -26.30 -2.35 11.01
N GLU A 93 -25.35 -2.05 10.12
CA GLU A 93 -25.22 -2.80 8.86
C GLU A 93 -24.86 -4.30 8.87
N LYS A 94 -23.94 -4.71 9.74
CA LYS A 94 -23.43 -6.08 9.69
C LYS A 94 -23.71 -6.96 10.92
N ILE A 95 -23.08 -8.14 10.96
CA ILE A 95 -23.26 -9.11 12.04
C ILE A 95 -23.05 -8.51 13.44
N GLU A 96 -23.90 -8.89 14.38
CA GLU A 96 -23.75 -8.46 15.76
C GLU A 96 -22.97 -9.51 16.55
N HIS A 97 -21.65 -9.31 16.62
CA HIS A 97 -20.74 -10.31 17.18
C HIS A 97 -20.78 -10.42 18.70
N ASN A 98 -20.09 -11.43 19.21
CA ASN A 98 -19.90 -11.66 20.63
C ASN A 98 -18.58 -11.07 21.10
N VAL A 99 -18.49 -9.75 21.20
CA VAL A 99 -17.26 -9.09 21.58
C VAL A 99 -16.76 -9.52 22.96
N SER A 100 -17.68 -9.71 23.91
CA SER A 100 -17.31 -10.06 25.29
C SER A 100 -16.51 -11.36 25.39
N ALA A 101 -16.85 -12.33 24.54
CA ALA A 101 -16.14 -13.60 24.53
C ALA A 101 -14.71 -13.39 24.02
N LEU A 102 -14.57 -12.50 23.05
CA LEU A 102 -13.25 -12.12 22.54
C LEU A 102 -12.40 -11.41 23.61
N GLU A 103 -13.00 -10.46 24.32
CA GLU A 103 -12.32 -9.81 25.42
C GLU A 103 -11.83 -10.86 26.39
N SER A 104 -12.70 -11.80 26.73
CA SER A 104 -12.35 -12.90 27.63
C SER A 104 -11.18 -13.71 27.10
N TYR A 105 -11.22 -14.03 25.81
CA TYR A 105 -10.14 -14.81 25.20
C TYR A 105 -8.78 -14.10 25.25
N ILE A 106 -8.72 -12.84 24.83
CA ILE A 106 -7.41 -12.18 24.77
C ILE A 106 -6.86 -11.94 26.17
N GLN A 107 -7.75 -11.89 27.15
CA GLN A 107 -7.34 -11.73 28.54
C GLN A 107 -6.77 -13.03 29.11
N SER A 108 -7.18 -14.15 28.53
CA SER A 108 -6.68 -15.46 28.96
C SER A 108 -6.61 -16.40 27.75
N PRO A 109 -5.62 -16.18 26.87
CA PRO A 109 -5.65 -16.85 25.56
C PRO A 109 -5.03 -18.23 25.64
N ALA A 110 -5.20 -19.05 24.62
CA ALA A 110 -4.68 -20.42 24.66
C ALA A 110 -3.19 -20.37 24.35
N PRO A 111 -2.37 -20.99 25.21
CA PRO A 111 -0.92 -20.81 25.08
C PRO A 111 -0.35 -21.44 23.81
N TYR A 112 -1.11 -22.38 23.24
CA TYR A 112 -0.68 -23.13 22.07
C TYR A 112 -1.18 -22.50 20.77
N THR A 113 -1.91 -21.40 20.89
CA THR A 113 -2.47 -20.70 19.74
C THR A 113 -1.83 -19.32 19.57
N VAL A 114 -1.52 -18.96 18.34
CA VAL A 114 -1.23 -17.58 18.00
C VAL A 114 -2.47 -16.97 17.33
N PHE A 115 -3.07 -16.00 18.00
CA PHE A 115 -4.32 -15.37 17.58
C PHE A 115 -4.01 -13.97 17.03
N VAL A 116 -4.29 -13.75 15.75
CA VAL A 116 -4.02 -12.46 15.13
C VAL A 116 -5.30 -11.74 14.67
N LEU A 117 -5.54 -10.56 15.24
CA LEU A 117 -6.56 -9.66 14.73
C LEU A 117 -5.93 -8.80 13.64
N LEU A 118 -6.52 -8.86 12.45
CA LEU A 118 -6.09 -8.01 11.35
C LEU A 118 -7.17 -6.95 11.14
N ALA A 119 -6.88 -5.71 11.52
CA ALA A 119 -7.87 -4.65 11.54
C ALA A 119 -7.40 -3.48 10.69
N PRO A 120 -7.77 -3.48 9.40
CA PRO A 120 -7.21 -2.55 8.42
C PRO A 120 -7.82 -1.15 8.52
N TYR A 121 -7.82 -0.57 9.70
CA TYR A 121 -8.40 0.74 9.93
C TYR A 121 -7.30 1.65 10.43
N GLU A 122 -7.47 2.96 10.26
CA GLU A 122 -6.42 3.90 10.65
C GLU A 122 -6.31 4.00 12.16
N LYS A 123 -7.45 3.85 12.82
CA LYS A 123 -7.59 4.19 14.22
C LYS A 123 -8.60 3.26 14.85
N LEU A 124 -8.33 2.86 16.07
CA LEU A 124 -9.27 2.07 16.85
C LEU A 124 -9.88 2.99 17.90
N ASP A 125 -11.13 2.75 18.27
CA ASP A 125 -11.78 3.61 19.27
C ASP A 125 -11.22 3.28 20.65
N GLU A 126 -10.48 4.23 21.20
CA GLU A 126 -9.84 4.05 22.49
C GLU A 126 -10.84 3.95 23.64
N ARG A 127 -12.07 4.40 23.40
CA ARG A 127 -13.08 4.38 24.45
C ARG A 127 -13.68 2.98 24.65
N LYS A 128 -13.56 2.12 23.63
CA LYS A 128 -14.12 0.77 23.70
C LYS A 128 -13.37 -0.17 24.64
N LYS A 129 -14.13 -0.92 25.41
CA LYS A 129 -13.58 -1.86 26.38
C LYS A 129 -12.59 -2.82 25.71
N LEU A 130 -12.94 -3.29 24.53
CA LEU A 130 -12.13 -4.27 23.82
C LEU A 130 -10.83 -3.66 23.31
N THR A 131 -10.90 -2.39 22.93
CA THR A 131 -9.68 -1.69 22.52
C THR A 131 -8.73 -1.58 23.69
N LYS A 132 -9.26 -1.28 24.87
CA LYS A 132 -8.43 -1.16 26.06
C LYS A 132 -7.80 -2.51 26.36
N ALA A 133 -8.59 -3.57 26.19
CA ALA A 133 -8.11 -4.93 26.43
C ALA A 133 -6.97 -5.33 25.50
N LEU A 134 -7.06 -4.93 24.23
CA LEU A 134 -6.00 -5.21 23.26
C LEU A 134 -4.71 -4.45 23.57
N LYS A 135 -4.83 -3.19 23.93
CA LYS A 135 -3.62 -2.40 24.19
C LYS A 135 -2.84 -2.98 25.39
N LYS A 136 -3.56 -3.66 26.28
CA LYS A 136 -2.92 -4.32 27.42
C LYS A 136 -2.41 -5.74 27.07
N HIS A 137 -3.26 -6.55 26.44
CA HIS A 137 -2.96 -7.97 26.26
C HIS A 137 -2.39 -8.36 24.89
N ALA A 138 -2.63 -7.55 23.86
CA ALA A 138 -2.13 -7.88 22.53
C ALA A 138 -0.83 -7.16 22.21
N PHE A 139 0.00 -7.78 21.37
CA PHE A 139 1.12 -7.10 20.72
C PHE A 139 0.52 -6.26 19.60
N MET A 140 0.49 -4.96 19.82
CA MET A 140 -0.10 -4.00 18.86
C MET A 140 0.96 -3.65 17.83
N MET A 141 0.57 -3.60 16.57
CA MET A 141 1.47 -3.17 15.53
C MET A 141 0.71 -2.31 14.54
N GLU A 142 1.17 -1.09 14.36
CA GLU A 142 0.51 -0.21 13.42
C GLU A 142 1.26 -0.19 12.09
N ALA A 143 0.55 -0.47 11.00
CA ALA A 143 1.13 -0.27 9.66
C ALA A 143 0.46 0.93 8.99
N LYS A 144 0.95 2.13 9.31
CA LYS A 144 0.29 3.31 8.77
C LYS A 144 0.79 3.67 7.37
N GLU A 145 -0.02 4.45 6.66
CA GLU A 145 0.41 4.97 5.39
C GLU A 145 1.39 6.10 5.62
N LEU A 146 2.48 6.10 4.88
CA LEU A 146 3.58 7.00 5.14
C LEU A 146 3.57 8.15 4.17
N ASN A 147 4.11 9.28 4.62
CA ASN A 147 4.40 10.38 3.73
C ASN A 147 5.80 10.18 3.17
N ALA A 148 6.20 11.10 2.31
CA ALA A 148 7.49 11.03 1.64
C ALA A 148 8.64 10.77 2.61
N LYS A 149 8.73 11.58 3.66
CA LYS A 149 9.85 11.49 4.59
C LYS A 149 9.83 10.17 5.36
N GLU A 150 8.66 9.76 5.82
CA GLU A 150 8.51 8.51 6.54
C GLU A 150 8.89 7.34 5.64
N THR A 151 8.58 7.47 4.35
CA THR A 151 8.83 6.42 3.39
C THR A 151 10.35 6.21 3.22
N THR A 152 11.10 7.30 3.25
CA THR A 152 12.57 7.20 3.23
C THR A 152 13.13 6.45 4.46
N ASP A 153 12.69 6.82 5.65
CA ASP A 153 13.16 6.10 6.86
C ASP A 153 12.77 4.62 6.80
N PHE A 154 11.56 4.34 6.37
CA PHE A 154 11.15 2.96 6.21
C PHE A 154 12.12 2.18 5.30
N THR A 155 12.49 2.80 4.18
CA THR A 155 13.43 2.20 3.23
C THR A 155 14.80 1.97 3.85
N VAL A 156 15.29 2.96 4.59
CA VAL A 156 16.58 2.83 5.26
C VAL A 156 16.57 1.70 6.27
N ASN A 157 15.50 1.61 7.05
CA ASN A 157 15.39 0.57 8.07
C ASN A 157 15.18 -0.78 7.42
N LEU A 158 14.52 -0.79 6.28
CA LEU A 158 14.26 -2.05 5.60
C LEU A 158 15.57 -2.74 5.20
N ALA A 159 16.50 -1.97 4.63
CA ALA A 159 17.83 -2.49 4.28
C ALA A 159 18.51 -3.18 5.47
N LYS A 160 18.40 -2.59 6.65
CA LYS A 160 18.99 -3.19 7.85
C LYS A 160 18.45 -4.59 8.16
N THR A 161 17.18 -4.86 7.83
CA THR A 161 16.63 -6.17 8.10
C THR A 161 17.28 -7.26 7.24
N GLU A 162 18.00 -6.85 6.20
CA GLU A 162 18.72 -7.79 5.34
C GLU A 162 20.22 -7.71 5.57
N GLN A 163 20.62 -7.06 6.67
CA GLN A 163 22.02 -6.86 7.04
C GLN A 163 22.78 -5.96 6.08
N LYS A 164 22.05 -5.12 5.36
CA LYS A 164 22.69 -4.16 4.47
C LYS A 164 22.39 -2.75 4.95
N THR A 165 22.94 -1.76 4.28
CA THR A 165 22.62 -0.36 4.58
C THR A 165 22.35 0.40 3.29
N ILE A 166 21.64 1.51 3.42
CA ILE A 166 21.40 2.41 2.29
C ILE A 166 21.37 3.83 2.81
N GLY A 167 22.14 4.71 2.17
CA GLY A 167 22.21 6.10 2.59
C GLY A 167 20.92 6.80 2.24
N THR A 168 20.69 7.99 2.80
CA THR A 168 19.41 8.65 2.59
C THR A 168 19.23 9.12 1.15
N GLU A 169 20.31 9.53 0.48
CA GLU A 169 20.19 9.96 -0.91
C GLU A 169 19.76 8.79 -1.83
N ALA A 170 20.40 7.63 -1.66
CA ALA A 170 20.08 6.44 -2.42
C ALA A 170 18.65 5.98 -2.16
N ALA A 171 18.25 6.07 -0.90
CA ALA A 171 16.92 5.70 -0.45
C ALA A 171 15.83 6.63 -1.01
N GLU A 172 16.11 7.92 -0.97
CA GLU A 172 15.19 8.91 -1.51
C GLU A 172 15.00 8.70 -3.00
N HIS A 173 16.07 8.36 -3.68
CA HIS A 173 15.97 8.14 -5.12
C HIS A 173 15.15 6.90 -5.44
N LEU A 174 15.33 5.86 -4.64
CA LEU A 174 14.59 4.63 -4.80
C LEU A 174 13.10 4.90 -4.64
N VAL A 175 12.75 5.61 -3.57
CA VAL A 175 11.37 5.98 -3.30
C VAL A 175 10.76 6.80 -4.45
N LEU A 176 11.53 7.72 -5.01
CA LEU A 176 11.09 8.47 -6.18
C LEU A 176 10.78 7.55 -7.38
N LEU A 177 11.67 6.60 -7.64
CA LEU A 177 11.60 5.76 -8.83
C LEU A 177 10.35 4.89 -8.82
N VAL A 178 9.95 4.42 -7.64
CA VAL A 178 8.83 3.51 -7.59
C VAL A 178 7.57 4.23 -7.13
N ASN A 179 7.64 5.55 -7.14
CA ASN A 179 6.49 6.39 -6.79
C ASN A 179 5.97 6.09 -5.39
N GLY A 180 6.86 5.75 -4.46
CA GLY A 180 6.46 5.60 -3.08
C GLY A 180 5.75 4.32 -2.65
N HIS A 181 5.40 3.44 -3.59
CA HIS A 181 4.74 2.17 -3.21
C HIS A 181 5.62 1.30 -2.30
N LEU A 182 5.11 0.95 -1.12
CA LEU A 182 5.92 0.18 -0.16
C LEU A 182 6.23 -1.21 -0.70
N SER A 183 5.25 -1.81 -1.37
CA SER A 183 5.45 -3.14 -1.95
C SER A 183 6.59 -3.13 -2.99
N SER A 184 6.71 -2.04 -3.73
CA SER A 184 7.76 -1.86 -4.72
C SER A 184 9.10 -1.60 -4.05
N ILE A 185 9.09 -0.78 -3.00
CA ILE A 185 10.30 -0.53 -2.24
C ILE A 185 10.83 -1.84 -1.64
N PHE A 186 9.93 -2.66 -1.09
CA PHE A 186 10.32 -3.90 -0.47
C PHE A 186 10.95 -4.81 -1.52
N GLN A 187 10.26 -4.95 -2.63
CA GLN A 187 10.77 -5.73 -3.73
C GLN A 187 12.16 -5.25 -4.23
N GLU A 188 12.31 -3.95 -4.45
CA GLU A 188 13.56 -3.44 -5.01
C GLU A 188 14.69 -3.51 -3.99
N ILE A 189 14.38 -3.26 -2.71
CA ILE A 189 15.39 -3.43 -1.66
C ILE A 189 15.91 -4.89 -1.61
N GLN A 190 15.01 -5.87 -1.71
CA GLN A 190 15.45 -7.27 -1.73
C GLN A 190 16.34 -7.57 -2.93
N LYS A 191 15.98 -7.02 -4.08
CA LYS A 191 16.78 -7.20 -5.29
C LYS A 191 18.13 -6.53 -5.11
N LEU A 192 18.13 -5.35 -4.49
CA LEU A 192 19.38 -4.60 -4.32
C LEU A 192 20.29 -5.31 -3.34
N CYS A 193 19.74 -5.84 -2.25
CA CYS A 193 20.56 -6.53 -1.26
C CYS A 193 21.27 -7.72 -1.87
N THR A 194 20.57 -8.46 -2.73
CA THR A 194 21.16 -9.59 -3.46
C THR A 194 22.20 -9.09 -4.45
N PHE A 195 21.85 -8.08 -5.21
CA PHE A 195 22.71 -7.51 -6.26
C PHE A 195 24.10 -7.12 -5.77
N ILE A 196 24.19 -6.46 -4.62
CA ILE A 196 25.47 -5.91 -4.19
C ILE A 196 26.40 -6.99 -3.59
N GLY A 197 25.89 -8.21 -3.50
CA GLY A 197 26.72 -9.34 -3.09
C GLY A 197 27.32 -9.19 -1.70
N ASP A 198 28.66 -9.21 -1.64
CA ASP A 198 29.39 -9.14 -0.39
C ASP A 198 29.38 -7.74 0.20
N ARG A 199 29.12 -6.75 -0.65
CA ARG A 199 29.13 -5.38 -0.22
C ARG A 199 28.03 -5.07 0.79
N GLU A 200 28.28 -4.13 1.68
CA GLU A 200 27.31 -3.81 2.72
C GLU A 200 26.33 -2.69 2.34
N GLU A 201 26.82 -1.73 1.57
CA GLU A 201 26.03 -0.54 1.30
C GLU A 201 25.43 -0.49 -0.10
N ILE A 202 24.11 -0.32 -0.17
CA ILE A 202 23.46 0.01 -1.42
C ILE A 202 23.77 1.48 -1.75
N THR A 203 24.53 1.70 -2.82
CA THR A 203 24.86 3.06 -3.27
C THR A 203 23.77 3.63 -4.18
N LEU A 204 23.82 4.94 -4.40
CA LEU A 204 22.92 5.62 -5.32
C LEU A 204 23.14 5.04 -6.73
N ASP A 205 24.39 4.78 -7.08
CA ASP A 205 24.69 4.15 -8.36
C ASP A 205 24.02 2.77 -8.51
N ASP A 206 24.05 1.95 -7.46
CA ASP A 206 23.34 0.65 -7.48
C ASP A 206 21.84 0.84 -7.78
N VAL A 207 21.24 1.82 -7.11
CA VAL A 207 19.83 2.10 -7.30
C VAL A 207 19.54 2.47 -8.75
N LYS A 208 20.30 3.43 -9.27
CA LYS A 208 20.09 3.91 -10.63
C LYS A 208 20.34 2.84 -11.67
N MET A 209 21.33 1.97 -11.46
CA MET A 209 21.61 1.00 -12.52
C MET A 209 20.59 -0.13 -12.49
N LEU A 210 20.15 -0.51 -11.31
CA LEU A 210 19.32 -1.70 -11.21
C LEU A 210 17.81 -1.42 -11.29
N VAL A 211 17.37 -0.28 -10.77
CA VAL A 211 15.94 -0.06 -10.52
C VAL A 211 15.32 0.81 -11.60
N ALA A 212 14.38 0.24 -12.35
CA ALA A 212 13.76 0.98 -13.45
C ALA A 212 12.67 1.93 -12.94
N ARG A 213 12.67 3.15 -13.46
CA ARG A 213 11.60 4.10 -13.16
C ARG A 213 10.27 3.49 -13.56
N SER A 214 9.32 3.43 -12.62
CA SER A 214 8.03 2.80 -12.89
C SER A 214 7.25 3.55 -14.00
N LEU A 215 6.39 2.82 -14.69
CA LEU A 215 5.50 3.40 -15.70
C LEU A 215 4.65 4.52 -15.09
N GLU A 216 4.14 4.27 -13.89
CA GLU A 216 3.29 5.23 -13.20
C GLU A 216 4.09 6.48 -12.82
N GLN A 217 5.35 6.29 -12.46
CA GLN A 217 6.19 7.45 -12.16
C GLN A 217 6.50 8.21 -13.45
N ASN A 218 6.74 7.47 -14.53
CA ASN A 218 6.97 8.09 -15.83
C ASN A 218 5.77 8.95 -16.26
N ILE A 219 4.57 8.40 -16.11
CA ILE A 219 3.34 9.16 -16.39
C ILE A 219 3.29 10.44 -15.57
N PHE A 220 3.55 10.32 -14.26
CA PHE A 220 3.58 11.51 -13.42
C PHE A 220 4.53 12.56 -14.00
N GLU A 221 5.72 12.13 -14.34
CA GLU A 221 6.76 13.04 -14.81
C GLU A 221 6.40 13.64 -16.16
N LEU A 222 5.82 12.81 -17.02
CA LEU A 222 5.39 13.29 -18.31
C LEU A 222 4.44 14.46 -18.12
N ILE A 223 3.58 14.37 -17.10
CA ILE A 223 2.61 15.43 -16.88
C ILE A 223 3.27 16.67 -16.30
N ASN A 224 4.26 16.48 -15.45
CA ASN A 224 5.04 17.64 -14.96
C ASN A 224 5.70 18.39 -16.10
N LYS A 225 6.39 17.66 -16.96
CA LYS A 225 7.12 18.26 -18.07
C LYS A 225 6.17 19.02 -18.99
N ILE A 226 5.00 18.46 -19.22
CA ILE A 226 4.05 19.09 -20.11
C ILE A 226 3.49 20.40 -19.55
N VAL A 227 2.96 20.34 -18.34
CA VAL A 227 2.42 21.54 -17.69
C VAL A 227 3.49 22.61 -17.46
N ASN A 228 4.76 22.21 -17.49
CA ASN A 228 5.88 23.14 -17.33
C ASN A 228 6.51 23.62 -18.64
N ARG A 229 5.85 23.34 -19.75
CA ARG A 229 6.30 23.82 -21.07
C ARG A 229 7.67 23.27 -21.52
N LYS A 230 8.14 22.22 -20.85
CA LYS A 230 9.39 21.57 -21.25
C LYS A 230 9.15 20.60 -22.41
N ARG A 231 9.11 21.16 -23.62
CA ARG A 231 8.65 20.44 -24.81
C ARG A 231 9.40 19.14 -25.11
N THR A 232 10.73 19.23 -25.19
CA THR A 232 11.52 18.08 -25.61
C THR A 232 11.65 17.04 -24.49
N GLU A 233 11.86 17.50 -23.26
CA GLU A 233 11.92 16.60 -22.11
C GLU A 233 10.71 15.67 -22.05
N SER A 234 9.54 16.22 -22.34
CA SER A 234 8.30 15.44 -22.30
C SER A 234 8.09 14.62 -23.58
N LEU A 235 8.56 15.10 -24.72
CA LEU A 235 8.51 14.29 -25.94
C LEU A 235 9.40 13.06 -25.74
N GLN A 236 10.54 13.28 -25.11
CA GLN A 236 11.47 12.21 -24.80
C GLN A 236 10.89 11.16 -23.85
N ILE A 237 10.14 11.60 -22.85
CA ILE A 237 9.53 10.66 -21.92
C ILE A 237 8.52 9.80 -22.67
N PHE A 238 7.66 10.44 -23.46
CA PHE A 238 6.66 9.72 -24.23
C PHE A 238 7.29 8.71 -25.19
N TYR A 239 8.33 9.13 -25.91
CA TYR A 239 8.98 8.26 -26.87
C TYR A 239 9.52 7.00 -26.19
N ASP A 240 10.23 7.19 -25.07
CA ASP A 240 10.80 6.06 -24.33
C ASP A 240 9.74 5.03 -23.96
N LEU A 241 8.56 5.50 -23.55
CA LEU A 241 7.46 4.59 -23.27
C LEU A 241 7.14 3.70 -24.48
N LEU A 242 6.87 4.33 -25.62
CA LEU A 242 6.60 3.61 -26.85
C LEU A 242 7.74 2.68 -27.19
N LYS A 243 8.96 3.18 -26.98
CA LYS A 243 10.18 2.47 -27.39
C LYS A 243 10.41 1.19 -26.59
N GLN A 244 9.92 1.18 -25.34
CA GLN A 244 9.94 -0.05 -24.54
C GLN A 244 8.59 -0.75 -24.66
N ASN A 245 7.93 -0.50 -25.79
CA ASN A 245 6.69 -1.18 -26.18
C ASN A 245 5.51 -1.12 -25.20
N GLU A 246 5.33 0.01 -24.52
CA GLU A 246 4.08 0.19 -23.81
C GLU A 246 2.98 0.47 -24.83
N GLU A 247 1.80 -0.08 -24.59
CA GLU A 247 0.69 0.11 -25.50
C GLU A 247 0.06 1.49 -25.31
N PRO A 248 -0.13 2.23 -26.41
CA PRO A 248 -0.73 3.57 -26.38
C PRO A 248 -2.00 3.60 -25.54
N ILE A 249 -2.79 2.54 -25.64
CA ILE A 249 -4.05 2.48 -24.91
C ILE A 249 -3.81 2.41 -23.41
N LYS A 250 -2.75 1.71 -23.01
CA LYS A 250 -2.41 1.59 -21.59
C LYS A 250 -1.82 2.88 -21.05
N ILE A 251 -0.95 3.49 -21.85
CA ILE A 251 -0.38 4.79 -21.50
C ILE A 251 -1.52 5.80 -21.28
N MET A 252 -2.52 5.73 -22.13
CA MET A 252 -3.62 6.68 -22.11
C MET A 252 -4.46 6.51 -20.85
N ALA A 253 -4.73 5.25 -20.51
CA ALA A 253 -5.50 4.93 -19.31
C ALA A 253 -4.82 5.49 -18.06
N LEU A 254 -3.52 5.27 -17.93
CA LEU A 254 -2.76 5.81 -16.80
C LEU A 254 -2.75 7.35 -16.77
N ILE A 255 -2.60 7.98 -17.93
CA ILE A 255 -2.68 9.43 -18.02
C ILE A 255 -4.07 9.83 -17.53
N SER A 256 -5.09 9.16 -18.05
CA SER A 256 -6.47 9.41 -17.64
C SER A 256 -6.65 9.26 -16.12
N ASN A 257 -6.15 8.17 -15.54
CA ASN A 257 -6.27 7.97 -14.09
C ASN A 257 -5.63 9.12 -13.28
N GLN A 258 -4.51 9.64 -13.77
CA GLN A 258 -3.82 10.70 -13.05
C GLN A 258 -4.59 12.02 -13.16
N PHE A 259 -5.13 12.30 -14.35
CA PHE A 259 -5.88 13.54 -14.53
C PHE A 259 -7.18 13.53 -13.74
N ARG A 260 -7.84 12.38 -13.68
CA ARG A 260 -9.01 12.24 -12.81
C ARG A 260 -8.63 12.47 -11.36
N LEU A 261 -7.50 11.91 -10.93
CA LEU A 261 -7.01 12.12 -9.57
C LEU A 261 -6.72 13.59 -9.28
N ILE A 262 -6.10 14.29 -10.23
CA ILE A 262 -5.79 15.71 -10.02
C ILE A 262 -7.08 16.52 -9.85
N LEU A 263 -8.05 16.26 -10.72
CA LEU A 263 -9.33 16.97 -10.61
C LEU A 263 -10.00 16.73 -9.24
N GLN A 264 -10.08 15.47 -8.81
CA GLN A 264 -10.66 15.15 -7.49
C GLN A 264 -9.91 15.84 -6.34
N THR A 265 -8.59 15.71 -6.35
CA THR A 265 -7.76 16.31 -5.33
C THR A 265 -7.94 17.84 -5.30
N LYS A 266 -7.94 18.47 -6.48
CA LYS A 266 -8.12 19.93 -6.56
C LYS A 266 -9.47 20.33 -5.98
N TYR A 267 -10.50 19.57 -6.30
CA TYR A 267 -11.85 19.82 -5.80
C TYR A 267 -11.94 19.79 -4.27
N PHE A 268 -11.33 18.78 -3.66
CA PHE A 268 -11.37 18.69 -2.20
C PHE A 268 -10.37 19.62 -1.53
N ALA A 269 -9.20 19.82 -2.14
CA ALA A 269 -8.22 20.78 -1.60
C ALA A 269 -8.80 22.19 -1.51
N GLU A 270 -9.60 22.58 -2.50
CA GLU A 270 -10.11 23.94 -2.54
C GLU A 270 -11.21 24.21 -1.51
N GLN A 271 -11.63 23.14 -0.83
CA GLN A 271 -12.53 23.26 0.31
C GLN A 271 -11.78 23.10 1.62
N GLY A 272 -10.45 23.17 1.55
CA GLY A 272 -9.62 23.12 2.75
C GLY A 272 -9.21 21.75 3.24
N TYR A 273 -9.76 20.69 2.64
CA TYR A 273 -9.39 19.34 3.04
C TYR A 273 -7.90 19.09 2.81
N GLY A 274 -7.28 18.33 3.69
CA GLY A 274 -5.86 18.07 3.59
C GLY A 274 -5.49 16.72 2.98
N GLN A 275 -4.22 16.57 2.62
CA GLN A 275 -3.69 15.36 2.02
C GLN A 275 -4.29 14.13 2.74
N LYS A 276 -4.41 14.24 4.06
CA LYS A 276 -4.89 13.16 4.92
C LYS A 276 -6.33 12.70 4.62
N GLN A 277 -7.26 13.64 4.67
CA GLN A 277 -8.67 13.35 4.47
C GLN A 277 -8.99 13.00 3.02
N ILE A 278 -8.22 13.57 2.10
CA ILE A 278 -8.45 13.32 0.68
C ILE A 278 -8.07 11.89 0.35
N ALA A 279 -6.93 11.45 0.87
CA ALA A 279 -6.48 10.08 0.63
C ALA A 279 -7.54 9.10 1.11
N SER A 280 -8.08 9.33 2.30
CA SER A 280 -9.04 8.36 2.83
C SER A 280 -10.38 8.45 2.12
N ASN A 281 -10.77 9.66 1.70
CA ASN A 281 -11.97 9.82 0.89
C ASN A 281 -11.83 9.13 -0.47
N LEU A 282 -10.67 9.28 -1.09
CA LEU A 282 -10.41 8.71 -2.42
C LEU A 282 -9.96 7.26 -2.39
N LYS A 283 -9.58 6.79 -1.21
CA LYS A 283 -8.94 5.49 -1.05
C LYS A 283 -7.72 5.45 -1.96
N VAL A 284 -6.91 6.50 -1.88
CA VAL A 284 -5.62 6.55 -2.57
C VAL A 284 -4.54 6.82 -1.53
N HIS A 285 -3.36 6.22 -1.70
CA HIS A 285 -2.27 6.45 -0.77
C HIS A 285 -1.90 7.93 -0.72
N PRO A 286 -1.74 8.47 0.49
CA PRO A 286 -1.41 9.88 0.75
C PRO A 286 -0.17 10.35 -0.02
N PHE A 287 0.79 9.45 -0.24
CA PHE A 287 1.99 9.78 -1.00
C PHE A 287 1.62 10.25 -2.40
N ARG A 288 0.72 9.52 -3.03
CA ARG A 288 0.27 9.83 -4.38
C ARG A 288 -0.73 11.02 -4.39
N VAL A 289 -1.51 11.15 -3.32
CA VAL A 289 -2.40 12.30 -3.20
C VAL A 289 -1.60 13.60 -3.10
N LYS A 290 -0.51 13.58 -2.33
CA LYS A 290 0.36 14.76 -2.21
C LYS A 290 0.86 15.24 -3.57
N LEU A 291 1.30 14.31 -4.40
CA LEU A 291 1.80 14.67 -5.73
C LEU A 291 0.68 15.23 -6.61
N ALA A 292 -0.51 14.64 -6.52
CA ALA A 292 -1.64 15.12 -7.31
C ALA A 292 -2.02 16.51 -6.83
N MET A 293 -1.92 16.76 -5.53
CA MET A 293 -2.22 18.08 -5.00
C MET A 293 -1.27 19.11 -5.62
N ASP A 294 0.00 18.75 -5.75
CA ASP A 294 1.01 19.67 -6.29
C ASP A 294 0.68 19.98 -7.74
N GLN A 295 0.31 18.94 -8.48
CA GLN A 295 0.00 19.12 -9.89
C GLN A 295 -1.30 19.91 -10.08
N ALA A 296 -2.26 19.69 -9.18
CA ALA A 296 -3.57 20.33 -9.30
C ALA A 296 -3.42 21.85 -9.29
N ARG A 297 -2.44 22.36 -8.55
CA ARG A 297 -2.19 23.80 -8.50
C ARG A 297 -1.82 24.38 -9.87
N LEU A 298 -1.34 23.54 -10.77
CA LEU A 298 -0.83 24.04 -12.03
C LEU A 298 -1.87 24.02 -13.15
N PHE A 299 -3.06 23.48 -12.86
CA PHE A 299 -4.16 23.44 -13.83
C PHE A 299 -5.42 24.13 -13.30
N SER A 300 -6.22 24.68 -14.21
CA SER A 300 -7.50 25.19 -13.82
C SER A 300 -8.51 24.06 -13.86
N GLU A 301 -9.62 24.24 -13.15
CA GLU A 301 -10.69 23.28 -13.15
C GLU A 301 -11.15 23.04 -14.60
N GLU A 302 -11.29 24.13 -15.35
CA GLU A 302 -11.77 24.04 -16.73
C GLU A 302 -10.82 23.28 -17.64
N GLU A 303 -9.51 23.49 -17.48
CA GLU A 303 -8.55 22.70 -18.25
C GLU A 303 -8.70 21.20 -17.98
N LEU A 304 -8.79 20.87 -16.69
CA LEU A 304 -8.84 19.48 -16.27
C LEU A 304 -10.06 18.79 -16.83
N ARG A 305 -11.20 19.47 -16.82
CA ARG A 305 -12.42 18.94 -17.39
C ARG A 305 -12.28 18.69 -18.89
N LEU A 306 -11.67 19.61 -19.61
CA LEU A 306 -11.41 19.46 -21.04
C LEU A 306 -10.47 18.29 -21.29
N ILE A 307 -9.39 18.23 -20.51
CA ILE A 307 -8.38 17.20 -20.70
C ILE A 307 -9.02 15.83 -20.47
N ILE A 308 -9.79 15.73 -19.40
CA ILE A 308 -10.47 14.49 -19.09
C ILE A 308 -11.41 14.04 -20.23
N GLU A 309 -12.22 14.95 -20.75
CA GLU A 309 -13.13 14.59 -21.84
C GLU A 309 -12.35 14.21 -23.11
N GLN A 310 -11.31 14.97 -23.44
CA GLN A 310 -10.42 14.60 -24.54
C GLN A 310 -9.93 13.16 -24.39
N LEU A 311 -9.58 12.77 -23.17
CA LEU A 311 -9.09 11.41 -22.96
C LEU A 311 -10.18 10.35 -23.08
N ALA A 312 -11.41 10.67 -22.69
CA ALA A 312 -12.51 9.71 -22.85
C ALA A 312 -12.81 9.51 -24.32
N VAL A 313 -12.77 10.60 -25.08
CA VAL A 313 -12.95 10.51 -26.52
C VAL A 313 -11.85 9.63 -27.12
N MET A 314 -10.60 9.85 -26.70
CA MET A 314 -9.50 9.07 -27.25
C MET A 314 -9.66 7.59 -26.92
N ASP A 315 -10.12 7.31 -25.71
CA ASP A 315 -10.34 5.94 -25.30
C ASP A 315 -11.32 5.26 -26.25
N TYR A 316 -12.36 5.98 -26.64
CA TYR A 316 -13.37 5.44 -27.53
C TYR A 316 -12.83 5.29 -28.96
N GLU A 317 -12.08 6.28 -29.41
CA GLU A 317 -11.53 6.27 -30.77
C GLU A 317 -10.45 5.20 -30.92
N MET A 318 -9.84 4.82 -29.80
CA MET A 318 -8.83 3.76 -29.80
C MET A 318 -9.46 2.37 -29.74
N LYS A 319 -10.46 2.22 -28.87
CA LYS A 319 -11.12 0.94 -28.66
C LYS A 319 -11.94 0.51 -29.88
N THR A 320 -12.56 1.48 -30.54
CA THR A 320 -13.43 1.19 -31.66
C THR A 320 -12.87 1.74 -32.97
N GLY A 321 -12.96 0.93 -34.03
CA GLY A 321 -12.50 1.35 -35.34
C GLY A 321 -11.00 1.49 -35.43
N LYS A 322 -10.52 1.73 -36.65
CA LYS A 322 -9.10 1.80 -36.91
C LYS A 322 -8.61 3.24 -37.10
N LYS A 323 -8.14 3.84 -36.02
CA LYS A 323 -7.38 5.08 -36.11
C LYS A 323 -5.97 4.76 -35.62
N ASP A 324 -4.97 5.51 -36.07
CA ASP A 324 -3.60 5.27 -35.62
C ASP A 324 -3.48 5.62 -34.14
N LYS A 325 -3.40 4.60 -33.29
CA LYS A 325 -3.39 4.81 -31.84
C LYS A 325 -2.28 5.74 -31.34
N GLN A 326 -1.05 5.48 -31.78
CA GLN A 326 0.07 6.33 -31.40
C GLN A 326 -0.16 7.76 -31.86
N LEU A 327 -0.70 7.90 -33.07
CA LEU A 327 -0.96 9.21 -33.64
C LEU A 327 -1.99 9.98 -32.81
N LEU A 328 -3.08 9.30 -32.43
CA LEU A 328 -4.06 9.88 -31.53
C LEU A 328 -3.36 10.45 -30.30
N LEU A 329 -2.44 9.68 -29.72
CA LEU A 329 -1.75 10.09 -28.51
C LEU A 329 -0.80 11.26 -28.78
N GLU A 330 -0.11 11.20 -29.91
CA GLU A 330 0.79 12.27 -30.32
C GLU A 330 0.04 13.60 -30.42
N LEU A 331 -1.08 13.59 -31.13
CA LEU A 331 -1.93 14.78 -31.28
C LEU A 331 -2.36 15.35 -29.93
N PHE A 332 -2.92 14.49 -29.07
CA PHE A 332 -3.30 14.87 -27.72
C PHE A 332 -2.17 15.59 -26.97
N LEU A 333 -1.00 14.94 -26.93
CA LEU A 333 0.11 15.49 -26.18
C LEU A 333 0.59 16.81 -26.81
N LEU A 334 0.55 16.89 -28.14
CA LEU A 334 0.90 18.12 -28.83
C LEU A 334 -0.10 19.25 -28.51
N GLN A 335 -1.39 18.97 -28.59
CA GLN A 335 -2.40 19.92 -28.12
C GLN A 335 -2.04 20.46 -26.73
N LEU A 336 -1.78 19.55 -25.78
CA LEU A 336 -1.41 19.95 -24.41
C LEU A 336 -0.21 20.88 -24.36
N LEU A 337 0.72 20.68 -25.29
CA LEU A 337 1.98 21.44 -25.27
C LEU A 337 1.84 22.85 -25.83
N LYS A 338 0.97 23.01 -26.82
CA LYS A 338 0.65 24.34 -27.36
C LYS A 338 -0.24 25.06 -26.36
N ARG A 339 -1.26 24.36 -25.89
CA ARG A 339 -2.23 24.92 -24.93
C ARG A 339 -1.65 25.03 -23.52
#